data_6BXQ
#
_entry.id   6BXQ
#
_cell.length_a   50.977
_cell.length_b   82.344
_cell.length_c   110.744
_cell.angle_alpha   90.000
_cell.angle_beta   90.000
_cell.angle_gamma   90.000
#
_symmetry.space_group_name_H-M   'P 21 21 21'
#
loop_
_entity.id
_entity.type
_entity.pdbx_description
1 polymer 'HIV peptide RKV'
2 polymer 'MHC class I antigen'
3 polymer Beta-2-microglobulin
4 water water
#
loop_
_entity_poly.entity_id
_entity_poly.type
_entity_poly.pdbx_seq_one_letter_code
_entity_poly.pdbx_strand_id
1 'polypeptide(L)' RVKEKYQHLW A
2 'polypeptide(L)'
;GSHSMRYFYTAMSRPGRGEPRFIAVGYVDDTQFVRFDSDAASPRMAPRAPWIEQEGPEYWDGETRNMKASAQTYRENLRI
ALRYYNQSEAGSHIIQVMYGCDVGPDGRLLRGHDQSAYDGKDYIALNEDLSSWTAADTAAQITQRKWEAARVAEQLRAYL
EGLCVEWLRRYLENGKETLQRADPPKTHVTHHPISDHEATLRCWALGFYPAEITLTWQRDGEDQTQDTELVETRPAGDRT
FQKWAAVVVPSGEEQRYTCHVQHEGLPKPLTLRWEP
;
B
3 'polypeptide(L)'
;MIQRTPKIQVYSRHPAENGKSNFLNCYVSGFHPSDIEVDLLKNGERIEKVEHSDLSFSKDWSFYLLYYTEFTPTEKDEYA
CRVNHVTLSQPKIVKWDRDM
;
C
#
# COMPACT_ATOMS: atom_id res chain seq x y z
N ARG A 1 -2.93 14.18 -12.41
CA ARG A 1 -4.25 14.82 -12.35
C ARG A 1 -5.38 13.80 -12.41
N VAL A 2 -6.40 13.98 -11.60
CA VAL A 2 -7.57 13.09 -11.55
C VAL A 2 -8.45 13.21 -12.80
N LYS A 3 -9.32 12.20 -13.03
CA LYS A 3 -10.33 12.18 -14.10
C LYS A 3 -11.20 13.43 -13.89
N GLU A 4 -11.40 14.22 -14.97
CA GLU A 4 -12.18 15.46 -14.96
C GLU A 4 -13.66 15.18 -14.91
N GLN A 7 -19.15 12.59 -14.24
CA GLN A 7 -19.62 11.72 -13.16
C GLN A 7 -20.56 10.67 -13.77
N HIS A 8 -20.35 9.40 -13.38
CA HIS A 8 -21.07 8.24 -13.90
C HIS A 8 -21.54 7.33 -12.79
N LEU A 9 -22.82 7.44 -12.44
CA LEU A 9 -23.38 6.67 -11.35
C LEU A 9 -23.45 5.21 -11.66
N TRP A 10 -23.40 4.36 -10.63
CA TRP A 10 -23.57 2.91 -10.76
C TRP A 10 -25.01 2.56 -11.17
N GLY B 1 12.92 2.01 -15.60
CA GLY B 1 12.60 2.85 -16.74
C GLY B 1 11.11 3.09 -16.95
N SER B 2 10.27 2.09 -16.58
CA SER B 2 8.81 2.17 -16.69
C SER B 2 8.17 2.82 -15.47
N HIS B 3 7.03 3.52 -15.67
CA HIS B 3 6.43 4.23 -14.54
C HIS B 3 4.92 4.14 -14.54
N SER B 4 4.31 4.42 -13.38
CA SER B 4 2.85 4.40 -13.31
C SER B 4 2.31 5.53 -12.49
N MET B 5 1.06 5.94 -12.77
CA MET B 5 0.33 6.88 -11.93
C MET B 5 -0.94 6.16 -11.52
N ARG B 6 -1.29 6.22 -10.23
CA ARG B 6 -2.52 5.54 -9.82
C ARG B 6 -3.25 6.41 -8.81
N TYR B 7 -4.58 6.46 -8.90
CA TYR B 7 -5.41 7.13 -7.87
C TYR B 7 -6.22 6.02 -7.22
N PHE B 8 -6.38 6.13 -5.89
CA PHE B 8 -7.13 5.16 -5.09
C PHE B 8 -8.20 5.92 -4.32
N TYR B 9 -9.47 5.57 -4.54
CA TYR B 9 -10.55 6.22 -3.78
C TYR B 9 -11.19 5.16 -2.89
N THR B 10 -11.57 5.54 -1.67
CA THR B 10 -12.30 4.66 -0.74
C THR B 10 -13.51 5.46 -0.22
N ALA B 11 -14.74 4.93 -0.35
CA ALA B 11 -15.96 5.59 0.19
C ALA B 11 -16.52 4.61 1.17
N MET B 12 -16.74 5.06 2.40
N MET B 12 -16.66 5.03 2.46
CA MET B 12 -17.19 4.16 3.43
CA MET B 12 -17.05 4.15 3.58
C MET B 12 -18.41 4.73 4.10
C MET B 12 -18.30 4.64 4.30
N SER B 13 -19.48 3.94 4.13
CA SER B 13 -20.70 4.38 4.83
C SER B 13 -20.61 4.06 6.32
N ARG B 14 -21.34 4.83 7.13
CA ARG B 14 -21.30 4.67 8.58
C ARG B 14 -22.66 5.12 9.12
N PRO B 15 -23.71 4.32 8.90
CA PRO B 15 -25.04 4.72 9.36
C PRO B 15 -25.09 5.12 10.83
N GLY B 16 -25.72 6.26 11.04
CA GLY B 16 -25.89 6.88 12.36
C GLY B 16 -24.71 7.74 12.77
N ARG B 17 -23.66 7.83 11.89
CA ARG B 17 -22.43 8.59 12.19
C ARG B 17 -22.11 9.52 11.04
N GLY B 18 -23.15 10.09 10.47
CA GLY B 18 -23.00 11.03 9.37
C GLY B 18 -22.93 10.41 7.99
N GLU B 19 -22.51 11.25 7.03
CA GLU B 19 -22.41 10.86 5.63
C GLU B 19 -21.15 10.03 5.44
N PRO B 20 -21.12 9.21 4.37
CA PRO B 20 -19.94 8.36 4.16
C PRO B 20 -18.63 9.14 4.00
N ARG B 21 -17.55 8.61 4.57
CA ARG B 21 -16.24 9.24 4.46
C ARG B 21 -15.69 8.93 3.08
N PHE B 22 -15.12 9.94 2.42
CA PHE B 22 -14.49 9.74 1.12
C PHE B 22 -13.03 10.14 1.23
N ILE B 23 -12.07 9.19 0.95
N ILE B 23 -12.15 9.26 0.80
CA ILE B 23 -10.60 9.44 1.00
CA ILE B 23 -10.74 9.59 0.81
C ILE B 23 -10.00 9.07 -0.35
C ILE B 23 -10.19 9.26 -0.56
N ALA B 24 -9.19 9.97 -0.95
CA ALA B 24 -8.53 9.69 -2.23
C ALA B 24 -7.05 9.92 -2.02
N VAL B 25 -6.23 9.04 -2.59
CA VAL B 25 -4.78 9.24 -2.57
C VAL B 25 -4.25 9.07 -4.00
N GLY B 26 -3.20 9.80 -4.35
CA GLY B 26 -2.56 9.65 -5.66
C GLY B 26 -1.12 9.22 -5.49
N TYR B 27 -0.64 8.30 -6.38
CA TYR B 27 0.74 7.85 -6.34
C TYR B 27 1.36 7.94 -7.72
N VAL B 28 2.68 8.20 -7.76
CA VAL B 28 3.49 7.96 -8.94
C VAL B 28 4.42 6.86 -8.47
N ASP B 29 4.37 5.67 -9.12
CA ASP B 29 5.14 4.52 -8.68
C ASP B 29 4.82 4.27 -7.19
N ASP B 30 5.83 4.20 -6.32
CA ASP B 30 5.63 3.95 -4.90
C ASP B 30 5.66 5.20 -4.05
N THR B 31 5.47 6.40 -4.69
CA THR B 31 5.51 7.65 -3.96
C THR B 31 4.12 8.31 -3.96
N GLN B 32 3.54 8.48 -2.78
CA GLN B 32 2.27 9.19 -2.66
C GLN B 32 2.54 10.67 -2.92
N PHE B 33 1.66 11.36 -3.66
CA PHE B 33 1.91 12.76 -3.91
C PHE B 33 0.75 13.65 -3.59
N VAL B 34 -0.48 13.09 -3.47
CA VAL B 34 -1.64 13.95 -3.13
C VAL B 34 -2.60 13.15 -2.25
N ARG B 35 -3.44 13.87 -1.47
CA ARG B 35 -4.47 13.22 -0.68
C ARG B 35 -5.69 14.17 -0.58
N PHE B 36 -6.86 13.56 -0.42
CA PHE B 36 -8.10 14.28 -0.17
C PHE B 36 -8.82 13.49 0.89
N ASP B 37 -9.40 14.15 1.93
CA ASP B 37 -10.17 13.43 2.94
C ASP B 37 -11.41 14.31 3.27
N SER B 38 -12.61 13.79 3.05
CA SER B 38 -13.84 14.51 3.37
C SER B 38 -13.97 14.80 4.88
N ASP B 39 -13.26 14.05 5.72
CA ASP B 39 -13.29 14.25 7.19
C ASP B 39 -12.35 15.35 7.69
N ALA B 40 -11.49 15.90 6.81
CA ALA B 40 -10.60 16.99 7.22
C ALA B 40 -11.43 18.24 7.60
N ALA B 41 -10.91 19.09 8.49
CA ALA B 41 -11.62 20.31 8.90
C ALA B 41 -11.95 21.18 7.69
N SER B 42 -11.01 21.31 6.72
CA SER B 42 -11.25 22.06 5.48
C SER B 42 -10.85 21.14 4.30
N PRO B 43 -11.76 20.25 3.83
CA PRO B 43 -11.37 19.27 2.80
C PRO B 43 -10.81 19.90 1.52
N ARG B 44 -9.62 19.44 1.11
CA ARG B 44 -8.97 19.98 -0.07
C ARG B 44 -7.99 18.94 -0.59
N MET B 45 -7.71 18.95 -1.91
CA MET B 45 -6.64 18.10 -2.44
C MET B 45 -5.36 18.79 -1.93
N ALA B 46 -4.52 18.03 -1.25
CA ALA B 46 -3.33 18.53 -0.59
C ALA B 46 -2.07 17.81 -1.04
N PRO B 47 -0.95 18.52 -1.11
CA PRO B 47 0.30 17.91 -1.54
C PRO B 47 0.90 17.00 -0.51
N ARG B 48 1.54 15.93 -0.98
CA ARG B 48 2.20 14.99 -0.09
C ARG B 48 3.61 14.65 -0.57
N ALA B 49 4.06 15.28 -1.67
CA ALA B 49 5.41 15.11 -2.22
C ALA B 49 5.94 16.50 -2.50
N PRO B 50 7.26 16.75 -2.28
CA PRO B 50 7.78 18.11 -2.52
C PRO B 50 7.65 18.63 -3.96
N TRP B 51 7.79 17.74 -4.99
CA TRP B 51 7.75 18.13 -6.43
C TRP B 51 6.37 18.53 -6.94
N ILE B 52 5.28 18.25 -6.18
CA ILE B 52 3.95 18.67 -6.62
C ILE B 52 3.60 20.08 -6.05
N GLU B 53 4.32 20.50 -5.01
CA GLU B 53 4.04 21.78 -4.32
C GLU B 53 4.07 22.99 -5.24
N GLN B 54 4.88 22.93 -6.31
CA GLN B 54 5.01 23.99 -7.32
C GLN B 54 3.76 24.19 -8.17
N GLU B 55 2.81 23.23 -8.15
CA GLU B 55 1.59 23.39 -8.93
C GLU B 55 0.81 24.60 -8.37
N GLY B 56 0.30 25.42 -9.27
CA GLY B 56 -0.40 26.66 -8.93
C GLY B 56 -1.78 26.52 -8.34
N PRO B 57 -2.43 27.66 -7.98
CA PRO B 57 -3.80 27.61 -7.43
C PRO B 57 -4.84 26.97 -8.32
N GLU B 58 -4.73 27.11 -9.66
CA GLU B 58 -5.63 26.56 -10.66
C GLU B 58 -5.64 25.03 -10.59
N TYR B 59 -4.48 24.44 -10.30
CA TYR B 59 -4.34 22.99 -10.15
C TYR B 59 -5.09 22.57 -8.88
N TRP B 60 -4.75 23.14 -7.72
CA TRP B 60 -5.31 22.78 -6.41
C TRP B 60 -6.80 23.02 -6.35
N ASP B 61 -7.28 24.14 -6.90
CA ASP B 61 -8.71 24.41 -6.95
C ASP B 61 -9.47 23.43 -7.85
N GLY B 62 -8.90 23.09 -8.99
CA GLY B 62 -9.51 22.17 -9.94
C GLY B 62 -9.57 20.77 -9.37
N GLU B 63 -8.47 20.35 -8.73
CA GLU B 63 -8.42 18.98 -8.15
C GLU B 63 -9.39 18.86 -6.97
N THR B 64 -9.50 19.93 -6.15
CA THR B 64 -10.43 19.94 -5.01
C THR B 64 -11.87 19.87 -5.51
N ARG B 65 -12.19 20.64 -6.59
CA ARG B 65 -13.53 20.64 -7.17
C ARG B 65 -13.91 19.21 -7.64
N ASN B 66 -12.97 18.54 -8.34
CA ASN B 66 -13.23 17.19 -8.82
C ASN B 66 -13.41 16.22 -7.66
N MET B 67 -12.62 16.37 -6.60
CA MET B 67 -12.74 15.46 -5.43
C MET B 67 -14.04 15.60 -4.69
N LYS B 68 -14.52 16.86 -4.52
CA LYS B 68 -15.80 17.06 -3.83
C LYS B 68 -16.92 16.50 -4.67
N ALA B 69 -16.83 16.62 -6.00
CA ALA B 69 -17.82 16.05 -6.89
C ALA B 69 -17.77 14.51 -6.81
N SER B 70 -16.57 13.91 -6.79
CA SER B 70 -16.42 12.44 -6.70
C SER B 70 -16.98 11.95 -5.35
N ALA B 71 -16.78 12.70 -4.26
CA ALA B 71 -17.32 12.29 -2.95
C ALA B 71 -18.85 12.20 -3.02
N GLN B 72 -19.48 13.17 -3.71
CA GLN B 72 -20.92 13.16 -3.90
C GLN B 72 -21.37 11.99 -4.75
N THR B 73 -20.64 11.71 -5.86
CA THR B 73 -20.98 10.55 -6.71
C THR B 73 -20.88 9.23 -5.92
N TYR B 74 -19.80 9.06 -5.13
CA TYR B 74 -19.63 7.78 -4.45
C TYR B 74 -20.56 7.58 -3.27
N ARG B 75 -21.01 8.66 -2.62
CA ARG B 75 -22.04 8.53 -1.58
C ARG B 75 -23.35 8.05 -2.26
N GLU B 76 -23.65 8.56 -3.48
CA GLU B 76 -24.83 8.05 -4.22
C GLU B 76 -24.63 6.61 -4.69
N ASN B 77 -23.41 6.27 -5.13
CA ASN B 77 -23.16 4.87 -5.51
C ASN B 77 -23.34 3.92 -4.34
N LEU B 78 -22.97 4.33 -3.09
CA LEU B 78 -23.19 3.47 -1.93
C LEU B 78 -24.70 3.23 -1.74
N ARG B 79 -25.54 4.23 -1.99
CA ARG B 79 -27.01 4.02 -1.85
C ARG B 79 -27.50 3.07 -2.97
N ILE B 80 -26.98 3.26 -4.21
CA ILE B 80 -27.36 2.40 -5.35
C ILE B 80 -26.97 0.95 -5.08
N ALA B 81 -25.74 0.71 -4.56
CA ALA B 81 -25.29 -0.66 -4.28
C ALA B 81 -26.16 -1.35 -3.23
N LEU B 82 -26.69 -0.59 -2.24
CA LEU B 82 -27.60 -1.23 -1.28
C LEU B 82 -28.80 -1.79 -2.00
N ARG B 83 -29.33 -1.05 -2.98
CA ARG B 83 -30.50 -1.51 -3.73
C ARG B 83 -30.14 -2.72 -4.59
N TYR B 84 -29.00 -2.67 -5.29
CA TYR B 84 -28.63 -3.79 -6.19
C TYR B 84 -28.40 -5.09 -5.46
N TYR B 85 -27.98 -5.01 -4.18
CA TYR B 85 -27.68 -6.20 -3.39
C TYR B 85 -28.71 -6.52 -2.32
N ASN B 86 -29.84 -5.81 -2.36
CA ASN B 86 -30.99 -6.03 -1.43
C ASN B 86 -30.56 -5.93 0.02
N GLN B 87 -29.72 -4.94 0.33
CA GLN B 87 -29.19 -4.81 1.68
C GLN B 87 -29.91 -3.76 2.51
N SER B 88 -29.83 -3.89 3.84
CA SER B 88 -30.47 -2.90 4.71
C SER B 88 -29.66 -1.62 4.85
N GLU B 89 -30.29 -0.57 5.35
CA GLU B 89 -29.63 0.71 5.54
C GLU B 89 -28.87 0.79 6.85
N ALA B 90 -28.82 -0.33 7.61
CA ALA B 90 -28.15 -0.41 8.91
C ALA B 90 -26.65 -0.70 8.89
N GLY B 91 -26.15 -1.40 7.87
CA GLY B 91 -24.73 -1.77 7.86
C GLY B 91 -23.80 -0.78 7.18
N SER B 92 -22.52 -0.91 7.48
N SER B 92 -22.51 -0.90 7.47
CA SER B 92 -21.45 -0.12 6.88
CA SER B 92 -21.47 -0.06 6.87
C SER B 92 -20.98 -0.90 5.65
C SER B 92 -20.85 -0.84 5.72
N HIS B 93 -20.75 -0.18 4.57
CA HIS B 93 -20.26 -0.79 3.31
C HIS B 93 -19.18 0.11 2.71
N ILE B 94 -18.39 -0.48 1.79
CA ILE B 94 -17.25 0.24 1.22
C ILE B 94 -17.21 0.11 -0.28
N ILE B 95 -17.00 1.23 -0.97
CA ILE B 95 -16.66 1.20 -2.40
C ILE B 95 -15.18 1.58 -2.52
N GLN B 96 -14.44 0.86 -3.33
CA GLN B 96 -13.05 1.21 -3.63
C GLN B 96 -12.87 1.33 -5.14
N VAL B 97 -12.04 2.30 -5.61
CA VAL B 97 -11.78 2.47 -7.02
C VAL B 97 -10.27 2.65 -7.17
N MET B 98 -9.70 2.02 -8.23
CA MET B 98 -8.30 2.29 -8.53
C MET B 98 -8.21 2.53 -10.04
N TYR B 99 -7.56 3.61 -10.46
CA TYR B 99 -7.43 3.86 -11.89
C TYR B 99 -6.10 4.56 -12.19
N GLY B 100 -5.67 4.51 -13.44
CA GLY B 100 -4.43 5.18 -13.78
C GLY B 100 -3.79 4.59 -15.01
N CYS B 101 -2.57 4.99 -15.27
CA CYS B 101 -1.84 4.63 -16.49
C CYS B 101 -0.42 4.18 -16.20
N ASP B 102 0.12 3.28 -17.07
CA ASP B 102 1.49 2.80 -17.00
C ASP B 102 2.14 3.26 -18.30
N VAL B 103 3.37 3.79 -18.21
CA VAL B 103 4.11 4.22 -19.42
C VAL B 103 5.47 3.54 -19.46
N GLY B 104 6.04 3.38 -20.65
CA GLY B 104 7.38 2.82 -20.77
C GLY B 104 8.43 3.91 -20.74
N PRO B 105 9.75 3.56 -20.90
CA PRO B 105 10.81 4.60 -20.87
C PRO B 105 10.61 5.81 -21.78
N ASP B 106 10.00 5.60 -22.95
CA ASP B 106 9.69 6.67 -23.92
C ASP B 106 8.48 7.53 -23.55
N GLY B 107 7.78 7.15 -22.47
CA GLY B 107 6.60 7.87 -22.00
C GLY B 107 5.31 7.55 -22.72
N ARG B 108 5.29 6.53 -23.59
CA ARG B 108 4.06 6.15 -24.29
C ARG B 108 3.23 5.21 -23.44
N LEU B 109 1.92 5.28 -23.59
CA LEU B 109 0.97 4.44 -22.87
C LEU B 109 1.27 2.97 -23.08
N LEU B 110 1.47 2.23 -21.96
CA LEU B 110 1.68 0.78 -22.00
C LEU B 110 0.34 0.15 -21.74
N ARG B 111 -0.39 0.67 -20.74
CA ARG B 111 -1.66 0.12 -20.38
C ARG B 111 -2.41 1.10 -19.49
N GLY B 112 -3.74 1.06 -19.58
CA GLY B 112 -4.61 1.85 -18.70
C GLY B 112 -5.40 0.93 -17.78
N HIS B 113 -5.89 1.49 -16.65
CA HIS B 113 -6.64 0.73 -15.65
C HIS B 113 -7.80 1.55 -15.13
N ASP B 114 -8.94 0.90 -14.80
CA ASP B 114 -10.08 1.54 -14.11
C ASP B 114 -10.91 0.43 -13.48
N GLN B 115 -10.70 0.14 -12.18
CA GLN B 115 -11.34 -0.99 -11.56
C GLN B 115 -12.07 -0.55 -10.32
N SER B 116 -13.20 -1.21 -10.01
N SER B 116 -13.21 -1.18 -9.99
CA SER B 116 -13.95 -0.89 -8.80
CA SER B 116 -13.91 -0.83 -8.75
C SER B 116 -14.26 -2.16 -8.00
C SER B 116 -14.36 -2.09 -8.03
N ALA B 117 -14.50 -1.97 -6.70
CA ALA B 117 -14.87 -3.08 -5.81
C ALA B 117 -15.96 -2.63 -4.87
N TYR B 118 -16.81 -3.59 -4.42
CA TYR B 118 -17.82 -3.31 -3.39
C TYR B 118 -17.60 -4.31 -2.29
N ASP B 119 -17.43 -3.79 -1.06
CA ASP B 119 -17.13 -4.64 0.12
C ASP B 119 -15.94 -5.58 -0.10
N GLY B 120 -14.93 -5.04 -0.76
CA GLY B 120 -13.66 -5.73 -0.98
C GLY B 120 -13.66 -6.82 -2.04
N LYS B 121 -14.75 -6.92 -2.80
CA LYS B 121 -14.89 -7.90 -3.89
C LYS B 121 -14.95 -7.15 -5.20
N ASP B 122 -14.34 -7.69 -6.25
CA ASP B 122 -14.42 -7.03 -7.56
C ASP B 122 -15.86 -6.72 -7.93
N TYR B 123 -16.10 -5.53 -8.55
CA TYR B 123 -17.42 -5.13 -8.99
C TYR B 123 -17.40 -4.94 -10.50
N ILE B 124 -16.69 -3.94 -11.00
CA ILE B 124 -16.66 -3.79 -12.47
C ILE B 124 -15.29 -3.27 -12.84
N ALA B 125 -14.77 -3.69 -13.99
CA ALA B 125 -13.44 -3.23 -14.41
C ALA B 125 -13.45 -2.91 -15.89
N LEU B 126 -12.71 -1.87 -16.25
CA LEU B 126 -12.46 -1.57 -17.67
C LEU B 126 -11.45 -2.56 -18.21
N ASN B 127 -11.80 -3.19 -19.36
CA ASN B 127 -10.87 -4.15 -19.93
C ASN B 127 -9.65 -3.46 -20.55
N GLU B 128 -8.58 -4.24 -20.79
CA GLU B 128 -7.31 -3.70 -21.33
C GLU B 128 -7.49 -2.95 -22.67
N ASP B 129 -8.53 -3.31 -23.44
CA ASP B 129 -8.82 -2.60 -24.70
C ASP B 129 -9.33 -1.17 -24.48
N LEU B 130 -9.67 -0.81 -23.21
CA LEU B 130 -10.23 0.50 -22.87
C LEU B 130 -11.54 0.77 -23.62
N SER B 131 -12.28 -0.31 -23.98
CA SER B 131 -13.52 -0.13 -24.72
C SER B 131 -14.67 -0.95 -24.20
N SER B 132 -14.38 -1.95 -23.37
CA SER B 132 -15.40 -2.87 -22.87
C SER B 132 -15.19 -3.11 -21.38
N TRP B 133 -16.19 -3.71 -20.73
CA TRP B 133 -16.21 -3.90 -19.28
C TRP B 133 -16.30 -5.36 -18.90
N THR B 134 -15.77 -5.68 -17.72
CA THR B 134 -15.96 -6.99 -17.10
C THR B 134 -16.70 -6.74 -15.79
N ALA B 135 -17.92 -7.29 -15.71
CA ALA B 135 -18.80 -7.17 -14.53
C ALA B 135 -18.75 -8.46 -13.75
N ALA B 136 -18.59 -8.36 -12.42
CA ALA B 136 -18.38 -9.54 -11.59
C ALA B 136 -19.61 -10.32 -11.30
N ASP B 137 -20.76 -9.67 -11.37
CA ASP B 137 -22.01 -10.32 -10.96
C ASP B 137 -23.19 -9.63 -11.60
N THR B 138 -24.44 -10.08 -11.30
CA THR B 138 -25.60 -9.49 -11.96
C THR B 138 -25.89 -8.04 -11.56
N ALA B 139 -25.42 -7.58 -10.38
CA ALA B 139 -25.59 -6.21 -9.96
C ALA B 139 -24.66 -5.34 -10.80
N ALA B 140 -23.38 -5.76 -10.94
CA ALA B 140 -22.46 -5.00 -11.79
C ALA B 140 -22.85 -5.01 -13.26
N GLN B 141 -23.62 -6.02 -13.70
CA GLN B 141 -24.08 -6.03 -15.10
C GLN B 141 -25.11 -4.91 -15.34
N ILE B 142 -25.83 -4.47 -14.27
CA ILE B 142 -26.74 -3.33 -14.37
C ILE B 142 -25.94 -2.06 -14.61
N THR B 143 -24.82 -1.87 -13.86
CA THR B 143 -23.95 -0.72 -14.07
C THR B 143 -23.34 -0.79 -15.46
N GLN B 144 -22.89 -2.00 -15.89
CA GLN B 144 -22.28 -2.18 -17.22
C GLN B 144 -23.28 -1.69 -18.30
N ARG B 145 -24.53 -2.13 -18.21
CA ARG B 145 -25.57 -1.72 -19.16
C ARG B 145 -25.72 -0.19 -19.19
N LYS B 146 -25.73 0.48 -18.00
CA LYS B 146 -25.84 1.92 -17.93
C LYS B 146 -24.63 2.60 -18.52
N TRP B 147 -23.43 2.04 -18.28
CA TRP B 147 -22.21 2.65 -18.78
C TRP B 147 -22.01 2.43 -20.26
N GLU B 148 -22.51 1.32 -20.78
CA GLU B 148 -22.46 1.07 -22.23
C GLU B 148 -23.42 2.06 -22.90
N ALA B 149 -24.58 2.32 -22.28
CA ALA B 149 -25.54 3.27 -22.84
C ALA B 149 -25.02 4.71 -22.87
N ALA B 150 -24.22 5.08 -21.87
CA ALA B 150 -23.68 6.43 -21.74
C ALA B 150 -22.28 6.57 -22.35
N ARG B 151 -21.74 5.50 -22.97
CA ARG B 151 -20.41 5.52 -23.61
C ARG B 151 -19.29 5.98 -22.63
N VAL B 152 -19.36 5.49 -21.38
CA VAL B 152 -18.39 5.79 -20.33
C VAL B 152 -16.99 5.34 -20.71
N ALA B 153 -16.84 4.16 -21.34
CA ALA B 153 -15.50 3.65 -21.69
C ALA B 153 -14.73 4.60 -22.61
N GLU B 154 -15.44 5.24 -23.59
CA GLU B 154 -14.81 6.22 -24.48
C GLU B 154 -14.25 7.40 -23.72
N GLN B 155 -14.97 7.85 -22.68
CA GLN B 155 -14.54 8.99 -21.84
C GLN B 155 -13.30 8.61 -21.05
N LEU B 156 -13.30 7.39 -20.47
N LEU B 156 -13.30 7.39 -20.48
CA LEU B 156 -12.14 6.89 -19.71
CA LEU B 156 -12.14 6.90 -19.72
C LEU B 156 -10.95 6.73 -20.62
C LEU B 156 -10.94 6.71 -20.61
N ARG B 157 -11.16 6.16 -21.83
CA ARG B 157 -10.08 5.96 -22.78
C ARG B 157 -9.42 7.31 -23.13
N ALA B 158 -10.24 8.37 -23.35
CA ALA B 158 -9.69 9.71 -23.66
C ALA B 158 -8.80 10.22 -22.53
N TYR B 159 -9.23 9.98 -21.29
CA TYR B 159 -8.46 10.41 -20.11
C TYR B 159 -7.16 9.61 -20.03
N LEU B 160 -7.26 8.29 -20.10
CA LEU B 160 -6.09 7.43 -19.93
C LEU B 160 -5.01 7.62 -21.00
N GLU B 161 -5.41 7.87 -22.25
CA GLU B 161 -4.42 8.05 -23.34
C GLU B 161 -3.99 9.53 -23.47
N GLY B 162 -4.73 10.42 -22.83
CA GLY B 162 -4.52 11.86 -22.88
C GLY B 162 -3.94 12.46 -21.63
N LEU B 163 -4.77 13.12 -20.85
CA LEU B 163 -4.37 13.79 -19.61
C LEU B 163 -3.55 12.89 -18.64
N CYS B 164 -3.94 11.59 -18.50
CA CYS B 164 -3.22 10.71 -17.56
C CYS B 164 -1.72 10.62 -17.92
N VAL B 165 -1.40 10.26 -19.18
CA VAL B 165 -0.03 10.09 -19.65
C VAL B 165 0.70 11.45 -19.67
N GLU B 166 0.01 12.51 -20.08
CA GLU B 166 0.60 13.87 -20.17
C GLU B 166 1.02 14.36 -18.78
N TRP B 167 0.15 14.17 -17.79
CA TRP B 167 0.46 14.63 -16.44
C TRP B 167 1.47 13.71 -15.75
N LEU B 168 1.41 12.39 -16.02
CA LEU B 168 2.44 11.51 -15.46
C LEU B 168 3.84 11.95 -15.98
N ARG B 169 3.96 12.26 -17.29
CA ARG B 169 5.21 12.70 -17.87
C ARG B 169 5.72 13.99 -17.20
N ARG B 170 4.81 14.92 -16.91
CA ARG B 170 5.12 16.19 -16.24
C ARG B 170 5.63 15.92 -14.83
N TYR B 171 4.91 15.07 -14.04
CA TYR B 171 5.36 14.74 -12.68
C TYR B 171 6.71 14.06 -12.67
N LEU B 172 6.96 13.17 -13.65
CA LEU B 172 8.25 12.49 -13.72
C LEU B 172 9.39 13.47 -13.96
N GLU B 173 9.14 14.47 -14.80
CA GLU B 173 10.18 15.48 -15.07
C GLU B 173 10.35 16.36 -13.82
N ASN B 174 9.26 16.87 -13.24
CA ASN B 174 9.34 17.72 -12.06
C ASN B 174 9.97 17.01 -10.84
N GLY B 175 9.69 15.72 -10.69
CA GLY B 175 10.26 14.93 -9.62
C GLY B 175 11.38 14.00 -10.01
N LYS B 176 12.12 14.32 -11.10
CA LYS B 176 13.14 13.41 -11.62
C LYS B 176 14.21 13.03 -10.58
N GLU B 177 14.56 13.96 -9.70
CA GLU B 177 15.59 13.71 -8.69
C GLU B 177 15.29 12.45 -7.81
N THR B 178 13.99 12.22 -7.52
CA THR B 178 13.55 11.12 -6.67
C THR B 178 12.77 10.07 -7.45
N LEU B 179 11.81 10.49 -8.28
CA LEU B 179 11.02 9.50 -9.05
C LEU B 179 11.84 8.67 -10.02
N GLN B 180 12.95 9.24 -10.53
CA GLN B 180 13.80 8.59 -11.48
C GLN B 180 15.14 8.12 -10.87
N ARG B 181 15.16 7.97 -9.52
CA ARG B 181 16.34 7.47 -8.84
C ARG B 181 15.97 6.18 -8.11
N ALA B 182 16.64 5.10 -8.48
CA ALA B 182 16.46 3.83 -7.77
C ALA B 182 17.54 3.81 -6.67
N ASP B 183 17.16 3.44 -5.45
CA ASP B 183 18.07 3.32 -4.31
C ASP B 183 18.29 1.81 -4.09
N PRO B 184 19.49 1.26 -4.31
CA PRO B 184 19.65 -0.19 -4.15
C PRO B 184 19.56 -0.62 -2.69
N PRO B 185 19.19 -1.89 -2.45
CA PRO B 185 19.11 -2.36 -1.06
C PRO B 185 20.51 -2.46 -0.43
N LYS B 186 20.56 -2.15 0.87
CA LYS B 186 21.73 -2.37 1.75
C LYS B 186 21.43 -3.78 2.31
N THR B 187 22.32 -4.75 2.02
CA THR B 187 22.07 -6.16 2.37
C THR B 187 23.05 -6.76 3.38
N HIS B 188 22.56 -7.72 4.18
CA HIS B 188 23.39 -8.44 5.16
C HIS B 188 22.67 -9.70 5.62
N VAL B 189 23.43 -10.65 6.16
CA VAL B 189 22.88 -11.93 6.65
C VAL B 189 23.16 -12.02 8.11
N THR B 190 22.13 -12.34 8.87
CA THR B 190 22.27 -12.52 10.31
C THR B 190 22.05 -13.99 10.61
N HIS B 191 22.60 -14.43 11.76
CA HIS B 191 22.54 -15.84 12.18
C HIS B 191 22.06 -15.85 13.62
N HIS B 192 21.03 -16.64 13.90
CA HIS B 192 20.43 -16.71 15.25
C HIS B 192 20.28 -18.20 15.63
N PRO B 193 21.08 -18.78 16.55
CA PRO B 193 20.84 -20.18 16.91
C PRO B 193 19.45 -20.36 17.52
N ILE B 194 18.79 -21.47 17.20
N ILE B 194 18.77 -21.48 17.20
CA ILE B 194 17.47 -21.77 17.76
CA ILE B 194 17.42 -21.75 17.74
C ILE B 194 17.70 -22.73 18.92
C ILE B 194 17.45 -22.93 18.73
N SER B 195 18.50 -23.76 18.67
CA SER B 195 18.78 -24.87 19.57
C SER B 195 20.16 -25.34 19.27
N ASP B 196 20.59 -26.46 19.85
CA ASP B 196 21.91 -27.01 19.55
C ASP B 196 21.99 -27.54 18.10
N HIS B 197 20.84 -27.88 17.52
CA HIS B 197 20.69 -28.56 16.24
C HIS B 197 20.45 -27.64 15.02
N GLU B 198 19.88 -26.44 15.25
CA GLU B 198 19.45 -25.56 14.16
C GLU B 198 19.71 -24.11 14.46
N ALA B 199 19.76 -23.29 13.36
CA ALA B 199 19.92 -21.88 13.46
C ALA B 199 19.09 -21.23 12.37
N THR B 200 18.72 -19.98 12.57
CA THR B 200 18.02 -19.22 11.53
C THR B 200 19.04 -18.35 10.81
N LEU B 201 19.00 -18.35 9.46
CA LEU B 201 19.78 -17.42 8.67
C LEU B 201 18.73 -16.42 8.13
N ARG B 202 18.95 -15.13 8.33
CA ARG B 202 17.99 -14.14 7.85
C ARG B 202 18.70 -13.19 6.93
N CYS B 203 18.19 -13.07 5.72
CA CYS B 203 18.75 -12.19 4.70
C CYS B 203 17.93 -10.90 4.68
N TRP B 204 18.58 -9.79 4.93
CA TRP B 204 17.98 -8.47 5.00
C TRP B 204 18.23 -7.62 3.80
N ALA B 205 17.23 -6.82 3.41
CA ALA B 205 17.38 -5.79 2.37
C ALA B 205 16.74 -4.54 2.96
N LEU B 206 17.50 -3.45 3.03
CA LEU B 206 17.06 -2.20 3.65
C LEU B 206 17.34 -1.00 2.77
N GLY B 207 16.55 0.03 2.94
CA GLY B 207 16.79 1.32 2.27
C GLY B 207 16.64 1.37 0.77
N PHE B 208 15.78 0.51 0.22
CA PHE B 208 15.63 0.44 -1.23
C PHE B 208 14.37 1.13 -1.76
N TYR B 209 14.44 1.57 -3.01
CA TYR B 209 13.34 2.21 -3.70
C TYR B 209 13.56 1.92 -5.18
N PRO B 210 12.56 1.48 -5.92
CA PRO B 210 11.15 1.27 -5.54
C PRO B 210 11.00 -0.01 -4.73
N ALA B 211 9.75 -0.31 -4.37
CA ALA B 211 9.48 -1.43 -3.48
C ALA B 211 9.72 -2.80 -4.09
N GLU B 212 9.59 -2.94 -5.41
CA GLU B 212 9.72 -4.25 -6.06
C GLU B 212 11.12 -4.81 -5.79
N ILE B 213 11.18 -6.04 -5.25
CA ILE B 213 12.47 -6.69 -4.97
C ILE B 213 12.24 -8.21 -5.00
N THR B 214 13.30 -9.01 -5.21
CA THR B 214 13.18 -10.46 -5.10
C THR B 214 14.28 -10.88 -4.13
N LEU B 215 13.90 -11.58 -3.05
CA LEU B 215 14.85 -12.08 -2.05
C LEU B 215 14.61 -13.58 -1.96
N THR B 216 15.62 -14.42 -2.28
CA THR B 216 15.41 -15.87 -2.25
C THR B 216 16.59 -16.54 -1.58
N TRP B 217 16.34 -17.71 -0.98
CA TRP B 217 17.40 -18.54 -0.40
C TRP B 217 17.53 -19.75 -1.27
N GLN B 218 18.77 -20.20 -1.47
CA GLN B 218 19.03 -21.45 -2.21
C GLN B 218 19.86 -22.31 -1.29
N ARG B 219 19.70 -23.64 -1.40
N ARG B 219 19.71 -23.64 -1.39
CA ARG B 219 20.51 -24.62 -0.68
CA ARG B 219 20.53 -24.60 -0.63
C ARG B 219 21.16 -25.42 -1.80
C ARG B 219 21.15 -25.50 -1.70
N ASP B 220 22.49 -25.50 -1.84
CA ASP B 220 23.27 -26.23 -2.90
C ASP B 220 22.74 -25.79 -4.29
N GLY B 221 22.48 -24.48 -4.43
CA GLY B 221 21.99 -23.89 -5.68
C GLY B 221 20.54 -24.15 -6.06
N GLU B 222 19.73 -24.77 -5.17
CA GLU B 222 18.32 -25.01 -5.44
C GLU B 222 17.43 -24.14 -4.57
N ASP B 223 16.42 -23.47 -5.19
CA ASP B 223 15.47 -22.61 -4.46
C ASP B 223 14.79 -23.31 -3.30
N GLN B 224 14.71 -22.62 -2.16
CA GLN B 224 14.06 -23.12 -0.94
C GLN B 224 12.70 -22.44 -0.70
N THR B 225 11.88 -22.31 -1.72
CA THR B 225 10.58 -21.61 -1.64
C THR B 225 9.68 -22.06 -0.49
N GLN B 226 9.43 -23.36 -0.36
CA GLN B 226 8.56 -23.90 0.69
C GLN B 226 9.14 -23.70 2.08
N ASP B 227 10.47 -23.73 2.22
CA ASP B 227 11.11 -23.61 3.52
C ASP B 227 11.47 -22.17 3.90
N THR B 228 11.30 -21.19 2.99
CA THR B 228 11.66 -19.81 3.33
C THR B 228 10.49 -19.02 3.94
N GLU B 229 10.74 -18.30 5.05
CA GLU B 229 9.77 -17.38 5.63
C GLU B 229 10.11 -16.00 5.04
N LEU B 230 9.16 -15.41 4.29
CA LEU B 230 9.32 -14.12 3.60
C LEU B 230 8.34 -13.13 4.23
N VAL B 231 8.81 -12.01 4.74
CA VAL B 231 7.88 -11.00 5.26
C VAL B 231 7.42 -10.14 4.08
N GLU B 232 6.26 -9.52 4.21
CA GLU B 232 5.81 -8.57 3.19
C GLU B 232 6.77 -7.36 3.22
N THR B 233 7.05 -6.81 2.04
CA THR B 233 7.83 -5.59 1.90
C THR B 233 7.09 -4.50 2.67
N ARG B 234 7.84 -3.75 3.45
CA ARG B 234 7.32 -2.78 4.40
C ARG B 234 7.97 -1.41 4.27
N PRO B 235 7.22 -0.32 4.44
CA PRO B 235 7.80 1.02 4.30
C PRO B 235 8.64 1.40 5.53
N ALA B 236 9.78 2.06 5.28
CA ALA B 236 10.61 2.49 6.42
C ALA B 236 10.09 3.85 7.00
N GLY B 237 9.37 4.61 6.19
CA GLY B 237 8.88 5.94 6.55
C GLY B 237 9.68 7.10 5.99
N ASP B 238 10.85 6.83 5.36
CA ASP B 238 11.75 7.85 4.75
C ASP B 238 11.78 7.70 3.20
N ARG B 239 10.68 7.11 2.62
CA ARG B 239 10.49 6.81 1.19
C ARG B 239 10.92 5.39 0.82
N THR B 240 11.84 4.81 1.59
CA THR B 240 12.42 3.51 1.23
C THR B 240 11.65 2.38 1.88
N PHE B 241 12.00 1.17 1.43
CA PHE B 241 11.35 -0.06 1.85
C PHE B 241 12.34 -1.04 2.45
N GLN B 242 11.78 -2.07 3.16
CA GLN B 242 12.57 -3.12 3.82
C GLN B 242 11.95 -4.46 3.56
N LYS B 243 12.77 -5.52 3.59
CA LYS B 243 12.24 -6.88 3.45
C LYS B 243 13.28 -7.81 4.02
N TRP B 244 12.85 -8.98 4.52
CA TRP B 244 13.77 -10.04 4.91
C TRP B 244 13.21 -11.37 4.54
N ALA B 245 14.13 -12.36 4.37
CA ALA B 245 13.80 -13.75 4.07
C ALA B 245 14.61 -14.61 5.00
N ALA B 246 13.98 -15.60 5.62
CA ALA B 246 14.69 -16.45 6.58
C ALA B 246 14.52 -17.94 6.29
N VAL B 247 15.56 -18.69 6.62
CA VAL B 247 15.52 -20.14 6.51
C VAL B 247 16.13 -20.75 7.80
N VAL B 248 15.58 -21.92 8.22
CA VAL B 248 16.07 -22.68 9.39
C VAL B 248 16.99 -23.74 8.82
N VAL B 249 18.23 -23.74 9.29
CA VAL B 249 19.27 -24.59 8.76
C VAL B 249 19.90 -25.49 9.85
N PRO B 250 20.39 -26.67 9.47
CA PRO B 250 21.09 -27.54 10.45
C PRO B 250 22.44 -26.92 10.84
N SER B 251 22.87 -27.07 12.11
CA SER B 251 24.16 -26.51 12.56
C SER B 251 25.29 -27.05 11.70
N GLY B 252 26.22 -26.19 11.34
CA GLY B 252 27.34 -26.58 10.49
C GLY B 252 27.08 -26.63 9.00
N GLU B 253 25.79 -26.55 8.55
CA GLU B 253 25.46 -26.57 7.11
C GLU B 253 25.23 -25.14 6.55
N GLU B 254 25.58 -24.08 7.33
CA GLU B 254 25.34 -22.69 6.93
C GLU B 254 25.92 -22.30 5.58
N GLN B 255 27.10 -22.87 5.22
CA GLN B 255 27.74 -22.48 3.95
C GLN B 255 27.08 -23.11 2.72
N ARG B 256 26.09 -24.03 2.90
CA ARG B 256 25.36 -24.61 1.78
C ARG B 256 24.27 -23.62 1.29
N TYR B 257 24.05 -22.55 2.08
CA TYR B 257 22.95 -21.63 1.80
C TYR B 257 23.41 -20.30 1.28
N THR B 258 22.76 -19.80 0.23
N THR B 258 22.74 -19.81 0.25
CA THR B 258 23.06 -18.50 -0.37
CA THR B 258 23.06 -18.54 -0.38
C THR B 258 21.77 -17.71 -0.54
C THR B 258 21.77 -17.72 -0.56
N CYS B 259 21.86 -16.40 -0.31
CA CYS B 259 20.74 -15.47 -0.46
C CYS B 259 20.96 -14.71 -1.77
N HIS B 260 19.92 -14.61 -2.57
CA HIS B 260 19.99 -13.96 -3.88
C HIS B 260 19.07 -12.76 -3.85
N VAL B 261 19.61 -11.59 -4.27
CA VAL B 261 18.84 -10.35 -4.25
C VAL B 261 18.74 -9.75 -5.65
N GLN B 262 17.52 -9.46 -6.10
CA GLN B 262 17.30 -8.78 -7.39
C GLN B 262 16.55 -7.48 -7.13
N HIS B 263 17.06 -6.37 -7.66
CA HIS B 263 16.44 -5.04 -7.50
C HIS B 263 16.85 -4.19 -8.65
N GLU B 264 15.96 -3.31 -9.13
CA GLU B 264 16.31 -2.47 -10.28
C GLU B 264 17.50 -1.53 -10.05
N GLY B 265 17.78 -1.21 -8.78
CA GLY B 265 18.91 -0.39 -8.37
C GLY B 265 20.23 -1.13 -8.45
N LEU B 266 20.18 -2.47 -8.66
CA LEU B 266 21.39 -3.31 -8.74
C LEU B 266 21.75 -3.60 -10.19
N PRO B 267 23.01 -3.31 -10.63
CA PRO B 267 23.42 -3.63 -12.01
C PRO B 267 23.31 -5.13 -12.31
N LYS B 268 23.67 -5.96 -11.32
CA LYS B 268 23.58 -7.42 -11.43
C LYS B 268 23.01 -7.99 -10.15
N PRO B 269 22.26 -9.12 -10.20
CA PRO B 269 21.76 -9.71 -8.95
C PRO B 269 22.91 -10.05 -7.99
N LEU B 270 22.66 -9.88 -6.68
CA LEU B 270 23.61 -10.10 -5.59
C LEU B 270 23.45 -11.49 -4.98
N THR B 271 24.58 -12.09 -4.58
CA THR B 271 24.70 -13.37 -3.90
C THR B 271 25.33 -13.08 -2.53
N LEU B 272 24.67 -13.50 -1.44
CA LEU B 272 25.19 -13.26 -0.08
C LEU B 272 25.24 -14.56 0.69
N ARG B 273 26.18 -14.64 1.63
CA ARG B 273 26.27 -15.80 2.54
C ARG B 273 26.49 -15.29 3.94
N TRP B 274 26.25 -16.14 4.94
CA TRP B 274 26.55 -15.71 6.30
C TRP B 274 28.06 -15.64 6.43
N GLU B 275 28.56 -14.54 6.98
CA GLU B 275 29.99 -14.31 7.20
C GLU B 275 30.24 -14.32 8.73
N PRO B 276 30.68 -15.47 9.29
CA PRO B 276 30.94 -15.52 10.73
C PRO B 276 32.21 -14.75 11.12
N MET C 1 -19.71 -8.95 4.06
CA MET C 1 -19.75 -10.12 4.93
C MET C 1 -18.38 -10.81 5.08
N ILE C 2 -17.59 -10.81 3.98
CA ILE C 2 -16.24 -11.40 3.99
C ILE C 2 -15.26 -10.35 4.55
N GLN C 3 -14.49 -10.75 5.56
CA GLN C 3 -13.58 -9.87 6.28
C GLN C 3 -12.18 -10.49 6.29
N ARG C 4 -11.15 -9.64 6.36
CA ARG C 4 -9.76 -10.06 6.30
C ARG C 4 -9.03 -9.48 7.51
N THR C 5 -8.29 -10.34 8.25
CA THR C 5 -7.62 -9.91 9.47
C THR C 5 -6.28 -9.23 9.17
N PRO C 6 -5.87 -8.22 9.95
CA PRO C 6 -4.60 -7.55 9.65
C PRO C 6 -3.34 -8.39 9.91
N LYS C 7 -2.35 -8.21 9.04
CA LYS C 7 -0.97 -8.70 9.24
C LYS C 7 -0.34 -7.51 9.96
N ILE C 8 0.61 -7.78 10.87
CA ILE C 8 1.21 -6.73 11.67
C ILE C 8 2.73 -6.92 11.70
N GLN C 9 3.48 -5.84 11.43
CA GLN C 9 4.95 -5.87 11.56
C GLN C 9 5.33 -4.68 12.40
N VAL C 10 6.20 -4.91 13.40
N VAL C 10 6.21 -4.89 13.38
CA VAL C 10 6.71 -3.86 14.29
CA VAL C 10 6.70 -3.82 14.25
C VAL C 10 8.23 -3.80 14.08
C VAL C 10 8.22 -3.77 14.13
N TYR C 11 8.76 -2.60 13.76
CA TYR C 11 10.18 -2.47 13.41
C TYR C 11 10.64 -1.05 13.45
N SER C 12 11.97 -0.85 13.32
CA SER C 12 12.51 0.50 13.30
C SER C 12 12.87 1.00 11.89
N ARG C 13 12.84 2.31 11.70
CA ARG C 13 13.17 2.93 10.41
C ARG C 13 14.62 2.64 10.04
N HIS C 14 15.52 2.89 11.00
CA HIS C 14 16.95 2.67 10.82
C HIS C 14 17.39 1.53 11.76
N PRO C 15 18.53 0.82 11.49
CA PRO C 15 18.98 -0.25 12.42
C PRO C 15 19.08 0.25 13.86
N ALA C 16 18.59 -0.54 14.82
CA ALA C 16 18.54 -0.07 16.21
C ALA C 16 19.91 0.05 16.89
N GLU C 17 20.18 1.22 17.47
CA GLU C 17 21.39 1.52 18.25
C GLU C 17 20.94 2.20 19.55
N ASN C 18 21.25 1.60 20.71
CA ASN C 18 20.88 2.15 22.02
C ASN C 18 21.39 3.56 22.23
N GLY C 19 20.48 4.44 22.67
CA GLY C 19 20.77 5.85 22.87
C GLY C 19 20.76 6.72 21.63
N LYS C 20 20.48 6.13 20.44
CA LYS C 20 20.40 6.88 19.17
C LYS C 20 18.93 7.03 18.71
N SER C 21 18.51 8.27 18.44
CA SER C 21 17.14 8.62 18.00
C SER C 21 16.81 7.92 16.69
N ASN C 22 15.57 7.41 16.60
CA ASN C 22 15.13 6.57 15.47
C ASN C 22 13.59 6.73 15.35
N PHE C 23 12.93 5.84 14.57
CA PHE C 23 11.48 5.85 14.43
C PHE C 23 10.99 4.44 14.61
N LEU C 24 9.94 4.31 15.43
CA LEU C 24 9.28 3.03 15.70
C LEU C 24 8.07 2.96 14.80
N ASN C 25 7.98 1.89 14.00
CA ASN C 25 6.92 1.67 13.03
C ASN C 25 6.08 0.50 13.37
N CYS C 26 4.75 0.63 13.12
CA CYS C 26 3.84 -0.49 13.15
C CYS C 26 3.08 -0.45 11.81
N TYR C 27 3.37 -1.42 10.94
CA TYR C 27 2.74 -1.55 9.62
C TYR C 27 1.64 -2.57 9.70
N VAL C 28 0.41 -2.16 9.41
N VAL C 28 0.42 -2.16 9.40
CA VAL C 28 -0.76 -3.06 9.39
CA VAL C 28 -0.76 -3.03 9.47
C VAL C 28 -1.19 -3.15 7.96
C VAL C 28 -1.28 -3.13 8.02
N SER C 29 -1.44 -4.36 7.51
CA SER C 29 -1.80 -4.55 6.10
C SER C 29 -2.66 -5.76 5.90
N GLY C 30 -3.25 -5.89 4.71
CA GLY C 30 -4.07 -7.05 4.40
C GLY C 30 -5.45 -7.16 5.02
N PHE C 31 -5.94 -6.06 5.59
CA PHE C 31 -7.19 -6.11 6.31
C PHE C 31 -8.36 -5.53 5.53
N HIS C 32 -9.57 -5.95 5.93
CA HIS C 32 -10.80 -5.45 5.33
C HIS C 32 -11.92 -5.81 6.31
N PRO C 33 -12.77 -4.87 6.76
CA PRO C 33 -12.91 -3.48 6.32
C PRO C 33 -11.84 -2.55 6.90
N SER C 34 -11.93 -1.24 6.61
CA SER C 34 -10.88 -0.30 6.90
C SER C 34 -10.75 0.15 8.33
N ASP C 35 -11.83 0.10 9.14
CA ASP C 35 -11.69 0.57 10.52
C ASP C 35 -10.71 -0.29 11.26
N ILE C 36 -9.78 0.36 11.93
CA ILE C 36 -8.73 -0.34 12.67
C ILE C 36 -8.23 0.57 13.78
N GLU C 37 -7.86 -0.02 14.91
CA GLU C 37 -7.36 0.74 16.05
C GLU C 37 -5.93 0.30 16.29
N VAL C 38 -4.97 1.22 16.24
CA VAL C 38 -3.55 0.87 16.42
C VAL C 38 -2.94 1.79 17.46
N ASP C 39 -2.24 1.19 18.45
CA ASP C 39 -1.52 1.92 19.47
C ASP C 39 -0.07 1.45 19.49
N LEU C 40 0.86 2.38 19.67
CA LEU C 40 2.26 2.01 19.90
C LEU C 40 2.45 2.09 21.40
N LEU C 41 3.09 1.06 22.00
CA LEU C 41 3.25 1.00 23.47
C LEU C 41 4.72 1.10 23.89
N LYS C 42 4.99 1.79 25.01
CA LYS C 42 6.34 1.88 25.60
C LYS C 42 6.16 1.34 27.00
N ASN C 43 6.78 0.18 27.32
CA ASN C 43 6.64 -0.48 28.62
C ASN C 43 5.15 -0.68 28.98
N GLY C 44 4.39 -1.17 28.00
CA GLY C 44 2.96 -1.46 28.12
C GLY C 44 2.00 -0.28 28.15
N GLU C 45 2.50 0.96 28.09
CA GLU C 45 1.68 2.18 28.13
C GLU C 45 1.61 2.84 26.74
N ARG C 46 0.44 3.40 26.39
CA ARG C 46 0.21 4.06 25.10
C ARG C 46 1.06 5.31 24.89
N ILE C 47 1.81 5.37 23.76
CA ILE C 47 2.59 6.54 23.38
C ILE C 47 1.60 7.54 22.79
N GLU C 48 1.74 8.82 23.14
CA GLU C 48 0.79 9.85 22.72
C GLU C 48 1.02 10.50 21.35
N LYS C 49 2.26 10.78 20.95
CA LYS C 49 2.46 11.58 19.72
C LYS C 49 2.23 10.89 18.33
N VAL C 50 1.76 9.63 18.28
CA VAL C 50 1.73 8.75 17.09
C VAL C 50 1.05 9.32 15.83
N GLU C 51 1.81 9.32 14.71
CA GLU C 51 1.31 9.75 13.40
C GLU C 51 1.00 8.51 12.55
N HIS C 52 0.20 8.68 11.49
CA HIS C 52 -0.08 7.57 10.59
C HIS C 52 -0.21 8.03 9.16
N SER C 53 0.02 7.12 8.23
CA SER C 53 -0.13 7.38 6.79
C SER C 53 -1.60 7.48 6.40
N ASP C 54 -1.84 8.03 5.17
CA ASP C 54 -3.19 8.14 4.62
C ASP C 54 -3.63 6.74 4.17
N LEU C 55 -4.90 6.42 4.47
CA LEU C 55 -5.45 5.10 4.11
C LEU C 55 -5.31 4.83 2.61
N SER C 56 -4.74 3.65 2.26
CA SER C 56 -4.63 3.23 0.89
C SER C 56 -4.84 1.72 0.89
N PHE C 57 -4.78 1.13 -0.29
CA PHE C 57 -5.05 -0.30 -0.40
C PHE C 57 -4.25 -0.92 -1.55
N SER C 58 -4.13 -2.24 -1.47
CA SER C 58 -3.35 -3.09 -2.40
C SER C 58 -4.22 -3.54 -3.57
N LYS C 59 -3.57 -4.18 -4.59
CA LYS C 59 -4.31 -4.68 -5.77
C LYS C 59 -5.44 -5.68 -5.43
N ASP C 60 -5.35 -6.36 -4.28
CA ASP C 60 -6.39 -7.29 -3.86
C ASP C 60 -7.47 -6.61 -3.00
N TRP C 61 -7.42 -5.24 -2.95
CA TRP C 61 -8.40 -4.40 -2.23
C TRP C 61 -8.19 -4.34 -0.73
N SER C 62 -7.21 -5.07 -0.20
CA SER C 62 -7.04 -5.01 1.25
C SER C 62 -6.27 -3.72 1.64
N PHE C 63 -6.63 -3.17 2.79
CA PHE C 63 -6.05 -1.90 3.24
C PHE C 63 -4.71 -2.04 3.92
N TYR C 64 -3.96 -0.93 3.95
CA TYR C 64 -2.72 -0.88 4.73
C TYR C 64 -2.50 0.51 5.28
N LEU C 65 -1.78 0.56 6.43
CA LEU C 65 -1.48 1.81 7.13
C LEU C 65 -0.17 1.64 7.86
N LEU C 66 0.58 2.73 7.96
CA LEU C 66 1.80 2.80 8.76
C LEU C 66 1.58 3.77 9.90
N TYR C 67 1.81 3.30 11.15
CA TYR C 67 1.76 4.13 12.36
C TYR C 67 3.18 4.27 12.83
N TYR C 68 3.58 5.49 13.19
CA TYR C 68 4.99 5.66 13.54
C TYR C 68 5.20 6.74 14.57
N THR C 69 6.32 6.65 15.30
CA THR C 69 6.66 7.68 16.28
C THR C 69 8.17 7.73 16.46
N GLU C 70 8.72 8.92 16.78
CA GLU C 70 10.14 9.09 17.05
C GLU C 70 10.40 8.42 18.42
N PHE C 71 11.49 7.68 18.55
CA PHE C 71 11.88 7.01 19.79
C PHE C 71 13.39 6.86 19.85
N THR C 72 13.94 6.70 21.07
CA THR C 72 15.35 6.48 21.30
C THR C 72 15.40 5.13 22.02
N PRO C 73 15.73 4.03 21.31
CA PRO C 73 15.76 2.72 21.98
C PRO C 73 16.83 2.64 23.06
N THR C 74 16.62 1.76 24.07
CA THR C 74 17.55 1.51 25.19
C THR C 74 17.54 -0.01 25.40
N GLU C 75 18.41 -0.54 26.28
CA GLU C 75 18.45 -1.98 26.53
C GLU C 75 17.24 -2.47 27.33
N LYS C 76 16.72 -1.64 28.26
CA LYS C 76 15.62 -1.99 29.17
C LYS C 76 14.20 -1.73 28.67
N ASP C 77 13.97 -0.64 27.92
CA ASP C 77 12.61 -0.27 27.46
C ASP C 77 12.06 -1.25 26.44
N GLU C 78 10.82 -1.70 26.65
CA GLU C 78 10.13 -2.65 25.79
C GLU C 78 9.11 -1.88 24.95
N TYR C 79 9.07 -2.16 23.64
CA TYR C 79 8.16 -1.50 22.70
C TYR C 79 7.28 -2.53 22.02
N ALA C 80 6.04 -2.14 21.69
CA ALA C 80 5.09 -3.04 21.07
C ALA C 80 4.05 -2.27 20.30
N CYS C 81 3.27 -3.00 19.51
CA CYS C 81 2.14 -2.43 18.78
C CYS C 81 0.91 -3.23 19.22
N ARG C 82 -0.20 -2.53 19.52
CA ARG C 82 -1.46 -3.19 19.92
C ARG C 82 -2.49 -2.84 18.83
N VAL C 83 -3.10 -3.87 18.22
CA VAL C 83 -4.05 -3.69 17.14
C VAL C 83 -5.40 -4.31 17.45
N ASN C 84 -6.46 -3.56 17.18
CA ASN C 84 -7.83 -4.11 17.24
C ASN C 84 -8.53 -3.92 15.88
N HIS C 85 -9.34 -4.90 15.50
CA HIS C 85 -10.07 -4.89 14.24
C HIS C 85 -11.30 -5.77 14.46
N VAL C 86 -12.33 -5.58 13.65
CA VAL C 86 -13.57 -6.36 13.81
C VAL C 86 -13.30 -7.89 13.78
N THR C 87 -12.30 -8.36 13.04
CA THR C 87 -11.91 -9.76 12.93
C THR C 87 -11.26 -10.35 14.17
N LEU C 88 -10.79 -9.51 15.09
CA LEU C 88 -10.10 -9.94 16.31
C LEU C 88 -11.01 -9.88 17.55
N SER C 89 -11.08 -10.97 18.34
CA SER C 89 -11.89 -11.02 19.59
C SER C 89 -11.35 -10.06 20.65
N GLN C 90 -10.00 -9.99 20.76
CA GLN C 90 -9.30 -9.16 21.72
C GLN C 90 -8.17 -8.44 20.96
N PRO C 91 -7.66 -7.29 21.45
CA PRO C 91 -6.52 -6.65 20.77
C PRO C 91 -5.30 -7.57 20.67
N LYS C 92 -4.59 -7.51 19.56
CA LYS C 92 -3.40 -8.33 19.33
C LYS C 92 -2.19 -7.46 19.64
N ILE C 93 -1.26 -7.97 20.45
CA ILE C 93 -0.06 -7.21 20.78
C ILE C 93 1.13 -7.90 20.13
N VAL C 94 1.93 -7.13 19.35
CA VAL C 94 3.14 -7.63 18.69
C VAL C 94 4.31 -6.86 19.28
N LYS C 95 5.26 -7.58 19.92
CA LYS C 95 6.41 -6.91 20.53
C LYS C 95 7.48 -6.57 19.50
N TRP C 96 8.17 -5.44 19.70
CA TRP C 96 9.29 -5.04 18.86
C TRP C 96 10.49 -5.93 19.20
N ASP C 97 11.03 -6.58 18.19
CA ASP C 97 12.20 -7.44 18.30
C ASP C 97 13.16 -6.89 17.25
N ARG C 98 14.31 -6.36 17.68
CA ARG C 98 15.36 -5.75 16.85
C ARG C 98 15.81 -6.60 15.67
N ASP C 99 15.72 -7.93 15.81
CA ASP C 99 16.14 -8.89 14.79
C ASP C 99 14.99 -9.35 13.91
N MET C 100 13.77 -8.81 14.16
CA MET C 100 12.46 -9.12 13.57
C MET C 100 12.20 -10.64 13.45
#